data_4R4P
#
_entry.id   4R4P
#
_cell.length_a   102.680
_cell.length_b   102.680
_cell.length_c   211.021
_cell.angle_alpha   90.00
_cell.angle_beta   90.00
_cell.angle_gamma   90.00
#
_symmetry.space_group_name_H-M   'P 43 21 2'
#
loop_
_entity.id
_entity.type
_entity.pdbx_description
1 polymer 'VS ribozyme RNA'
2 non-polymer 'MAGNESIUM ION'
3 water water
#
_entity_poly.entity_id   1
_entity_poly.type   'polyribonucleotide'
_entity_poly.pdbx_seq_one_letter_code
;(GDP)GCGCUGUGUCGCAAUCUGCGAAGGGCGUCGUCGGCCCGAGCGGUAGUAAGCAGGGAACUCACCUCCAAUGAAACA
CAUUGUCGUAGCAGUUGACUACUGUUAUGUGAUUGGUAGAGGCUAAGUGACGGUAUUGGCGUAAGCCAAUACCGCGGCAC
AGCACAAGCCCGCUUGCGAGAUUACAGCGC
;
_entity_poly.pdbx_strand_id   A
#
loop_
_chem_comp.id
_chem_comp.type
_chem_comp.name
_chem_comp.formula
A RNA linking ADENOSINE-5'-MONOPHOSPHATE 'C10 H14 N5 O7 P'
C RNA linking CYTIDINE-5'-MONOPHOSPHATE 'C9 H14 N3 O8 P'
G RNA linking GUANOSINE-5'-MONOPHOSPHATE 'C10 H14 N5 O8 P'
GDP RNA linking GUANOSINE-5'-DIPHOSPHATE 'C10 H15 N5 O11 P2'
MG non-polymer 'MAGNESIUM ION' 'Mg 2'
U RNA linking URIDINE-5'-MONOPHOSPHATE 'C9 H13 N2 O9 P'
#
# COMPACT_ATOMS: atom_id res chain seq x y z
PB GDP A 1 -3.65 6.11 -1.36
O1B GDP A 1 -2.27 5.81 -1.84
O2B GDP A 1 -4.20 7.22 -2.21
O3B GDP A 1 -3.61 6.59 0.11
O3A GDP A 1 -4.58 4.83 -1.52
PA GDP A 1 -4.55 3.48 -0.63
O1A GDP A 1 -3.98 2.36 -1.43
O2A GDP A 1 -6.04 3.11 -0.19
O5' GDP A 1 -3.65 3.74 0.73
C5' GDP A 1 -2.23 3.96 0.64
C4' GDP A 1 -1.48 3.50 1.91
O4' GDP A 1 -2.34 3.05 2.81
C3' GDP A 1 -0.50 2.36 1.62
O3' GDP A 1 0.76 2.82 1.58
C2' GDP A 1 -0.71 1.34 2.78
O2' GDP A 1 0.30 1.52 3.83
C1' GDP A 1 -1.92 1.54 3.23
N9 GDP A 1 -2.87 0.61 2.63
C8 GDP A 1 -3.84 0.82 1.73
N7 GDP A 1 -4.44 -0.38 1.47
C5 GDP A 1 -3.84 -1.30 2.22
C6 GDP A 1 -4.06 -2.79 2.38
O6 GDP A 1 -4.97 -3.38 1.72
N1 GDP A 1 -3.25 -3.52 3.27
C2 GDP A 1 -2.24 -2.86 4.00
N2 GDP A 1 -1.46 -3.63 4.89
N3 GDP A 1 -2.03 -1.43 3.85
C4 GDP A 1 -2.86 -0.70 2.94
H5' GDP A 1 -2.07 4.93 0.48
H5'' GDP A 1 -1.87 3.45 -0.16
H4' GDP A 1 -0.99 4.26 2.29
H3' GDP A 1 -0.72 1.94 0.77
H2' GDP A 1 -0.65 0.45 2.44
HO2' GDP A 1 0.78 0.74 3.93
H1' GDP A 1 -1.94 1.45 4.28
H8 GDP A 1 -4.05 1.65 1.33
HN1 GDP A 1 -3.39 -4.44 3.37
HN21 GDP A 1 -1.61 -4.57 4.97
HN22 GDP A 1 -0.81 -3.24 5.37
MG MG B . 56.01 -15.81 -27.01
MG MG C . 41.82 -35.57 -43.23
#